data_4F0W
#
_entry.id   4F0W
#
_cell.length_a   38.432
_cell.length_b   62.305
_cell.length_c   73.551
_cell.angle_alpha   90.00
_cell.angle_beta   90.00
_cell.angle_gamma   90.00
#
_symmetry.space_group_name_H-M   'P 21 21 21'
#
loop_
_entity.id
_entity.type
_entity.pdbx_description
1 polymer 'Putative uncharacterized protein'
2 non-polymer 'MALONATE ION'
3 non-polymer GLYCEROL
4 water water
#
_entity_poly.entity_id   1
_entity_poly.type   'polypeptide(L)'
_entity_poly.pdbx_seq_one_letter_code
;MGSSHHHHHHSSGENLYFEGSHMASMTGGQQMGRMDSLDQCIVNACKNSWDKSYLAGTPNKDNASGFVQSVAAELGVPMP
RGNANAMVDGLEQSWTKLASGAEAAQKAAQGFLVIAGLKGRTYGHVAVVISGPLYRQKYPMCWCGSIAGAVGQSQGLKSV
GQVWNRTDRDRLNYYVYSLASCSLPRAS
;
_entity_poly.pdbx_strand_id   A
#
loop_
_chem_comp.id
_chem_comp.type
_chem_comp.name
_chem_comp.formula
GOL non-polymer GLYCEROL 'C3 H8 O3'
MLI non-polymer 'MALONATE ION' 'C3 H2 O4 -2'
#
# COMPACT_ATOMS: atom_id res chain seq x y z
N SER A 37 -9.44 -14.53 3.33
CA SER A 37 -10.32 -13.59 4.01
C SER A 37 -10.84 -12.52 3.06
N LEU A 38 -11.39 -11.45 3.63
CA LEU A 38 -12.01 -10.39 2.84
C LEU A 38 -10.99 -9.51 2.14
N ASP A 39 -9.70 -9.67 2.44
CA ASP A 39 -8.68 -8.92 1.73
C ASP A 39 -8.17 -9.69 0.51
N GLN A 40 -8.81 -10.81 0.18
CA GLN A 40 -8.31 -11.60 -0.94
C GLN A 40 -8.27 -10.79 -2.24
N CYS A 41 -9.23 -9.90 -2.47
CA CYS A 41 -9.19 -9.13 -3.71
C CYS A 41 -8.00 -8.16 -3.73
N ILE A 42 -7.60 -7.70 -2.55
CA ILE A 42 -6.46 -6.81 -2.48
CA ILE A 42 -6.45 -6.82 -2.40
C ILE A 42 -5.17 -7.58 -2.72
N VAL A 43 -5.03 -8.75 -2.08
CA VAL A 43 -3.89 -9.61 -2.35
C VAL A 43 -3.81 -9.98 -3.83
N ASN A 44 -4.95 -10.31 -4.44
CA ASN A 44 -4.97 -10.64 -5.85
C ASN A 44 -4.51 -9.48 -6.70
N ALA A 45 -5.01 -8.28 -6.38
CA ALA A 45 -4.58 -7.10 -7.12
C ALA A 45 -3.08 -6.84 -6.97
N CYS A 46 -2.55 -7.10 -5.79
CA CYS A 46 -1.10 -6.96 -5.54
C CYS A 46 -0.29 -7.95 -6.38
N LYS A 47 -0.70 -9.21 -6.35
CA LYS A 47 -0.06 -10.24 -7.17
C LYS A 47 -0.09 -9.87 -8.64
N ASN A 48 -1.25 -9.42 -9.12
CA ASN A 48 -1.38 -9.05 -10.53
C ASN A 48 -0.53 -7.85 -10.89
N SER A 49 -0.41 -6.90 -9.97
CA SER A 49 0.27 -5.67 -10.26
CA SER A 49 0.29 -5.65 -10.21
C SER A 49 1.78 -5.82 -10.19
N TRP A 50 2.24 -6.85 -9.46
CA TRP A 50 3.67 -7.09 -9.29
C TRP A 50 4.40 -7.15 -10.63
N ASP A 51 3.82 -7.84 -11.60
CA ASP A 51 4.46 -8.04 -12.89
C ASP A 51 4.13 -6.98 -13.94
N LYS A 52 3.24 -6.05 -13.62
CA LYS A 52 2.86 -4.99 -14.54
C LYS A 52 3.86 -3.84 -14.48
N SER A 53 3.71 -2.91 -15.43
CA SER A 53 4.54 -1.71 -15.51
C SER A 53 3.62 -0.51 -15.71
N TYR A 54 3.21 0.14 -14.62
CA TYR A 54 2.31 1.28 -14.71
C TYR A 54 2.88 2.36 -15.63
N LEU A 55 4.17 2.65 -15.47
CA LEU A 55 4.89 3.51 -16.40
C LEU A 55 5.61 2.60 -17.37
N ALA A 56 5.34 2.76 -18.66
CA ALA A 56 5.87 1.84 -19.67
C ALA A 56 7.37 1.63 -19.51
N GLY A 57 7.81 0.39 -19.52
CA GLY A 57 9.22 0.08 -19.44
C GLY A 57 9.81 0.04 -18.04
N THR A 58 9.01 0.41 -17.04
CA THR A 58 9.46 0.36 -15.65
C THR A 58 8.65 -0.67 -14.86
N PRO A 59 9.27 -1.81 -14.56
CA PRO A 59 8.59 -2.84 -13.78
C PRO A 59 8.05 -2.27 -12.46
N ASN A 60 6.81 -2.59 -12.11
CA ASN A 60 6.26 -2.11 -10.85
C ASN A 60 7.06 -2.56 -9.63
N LYS A 61 7.73 -3.71 -9.70
CA LYS A 61 8.56 -4.14 -8.57
C LYS A 61 9.68 -3.14 -8.32
N ASP A 62 9.99 -2.32 -9.32
CA ASP A 62 11.05 -1.32 -9.22
C ASP A 62 10.54 0.11 -9.06
N ASN A 63 9.27 0.26 -8.68
CA ASN A 63 8.61 1.57 -8.69
C ASN A 63 7.46 1.58 -7.70
N ALA A 64 7.70 2.07 -6.48
CA ALA A 64 6.69 1.97 -5.42
C ALA A 64 5.34 2.60 -5.82
N SER A 65 5.41 3.81 -6.33
CA SER A 65 4.21 4.52 -6.74
C SER A 65 3.50 3.80 -7.87
N GLY A 66 4.24 3.30 -8.86
CA GLY A 66 3.63 2.57 -9.95
C GLY A 66 2.89 1.33 -9.50
N PHE A 67 3.51 0.59 -8.58
CA PHE A 67 2.88 -0.60 -8.02
C PHE A 67 1.55 -0.24 -7.39
N VAL A 68 1.56 0.79 -6.54
CA VAL A 68 0.29 1.18 -5.91
C VAL A 68 -0.76 1.69 -6.92
N GLN A 69 -0.31 2.42 -7.91
CA GLN A 69 -1.21 2.90 -8.96
C GLN A 69 -1.88 1.73 -9.67
N SER A 70 -1.12 0.68 -9.97
CA SER A 70 -1.70 -0.48 -10.64
C SER A 70 -2.69 -1.23 -9.75
N VAL A 71 -2.35 -1.38 -8.47
CA VAL A 71 -3.29 -2.02 -7.54
C VAL A 71 -4.63 -1.25 -7.48
N ALA A 72 -4.52 0.06 -7.28
CA ALA A 72 -5.72 0.89 -7.20
C ALA A 72 -6.52 0.83 -8.48
N ALA A 73 -5.83 0.84 -9.62
CA ALA A 73 -6.53 0.78 -10.90
C ALA A 73 -7.32 -0.52 -11.00
N GLU A 74 -6.71 -1.64 -10.62
CA GLU A 74 -7.44 -2.90 -10.66
C GLU A 74 -8.67 -2.86 -9.75
N LEU A 75 -8.51 -2.24 -8.57
CA LEU A 75 -9.61 -2.19 -7.61
C LEU A 75 -10.66 -1.10 -7.90
N GLY A 76 -10.41 -0.26 -8.89
CA GLY A 76 -11.31 0.84 -9.21
C GLY A 76 -11.30 1.95 -8.17
N VAL A 77 -10.15 2.16 -7.52
CA VAL A 77 -9.99 3.21 -6.54
C VAL A 77 -9.22 4.38 -7.17
N PRO A 78 -9.83 5.57 -7.20
CA PRO A 78 -9.10 6.73 -7.72
C PRO A 78 -7.89 7.07 -6.85
N MET A 79 -6.82 7.52 -7.49
CA MET A 79 -5.55 7.75 -6.83
CA MET A 79 -5.56 7.80 -6.82
C MET A 79 -4.95 9.08 -7.33
N PRO A 80 -4.29 9.84 -6.44
CA PRO A 80 -3.58 11.02 -6.94
C PRO A 80 -2.47 10.58 -7.89
N ARG A 81 -2.22 11.37 -8.93
CA ARG A 81 -1.14 11.03 -9.85
C ARG A 81 0.22 11.31 -9.25
N GLY A 82 1.24 10.70 -9.83
CA GLY A 82 2.60 11.07 -9.53
C GLY A 82 3.41 10.05 -8.77
N ASN A 83 4.58 10.50 -8.33
CA ASN A 83 5.50 9.61 -7.64
C ASN A 83 5.08 9.42 -6.18
N ALA A 84 5.90 8.74 -5.38
CA ALA A 84 5.46 8.40 -4.04
C ALA A 84 5.16 9.62 -3.18
N ASN A 85 6.04 10.63 -3.23
CA ASN A 85 5.80 11.85 -2.47
C ASN A 85 4.48 12.52 -2.89
N ALA A 86 4.23 12.55 -4.20
CA ALA A 86 3.00 13.16 -4.71
C ALA A 86 1.76 12.38 -4.27
N MET A 87 1.87 11.06 -4.28
CA MET A 87 0.77 10.24 -3.85
C MET A 87 0.48 10.46 -2.37
N VAL A 88 1.52 10.50 -1.54
CA VAL A 88 1.33 10.76 -0.12
C VAL A 88 0.70 12.14 0.09
N ASP A 89 1.14 13.13 -0.66
CA ASP A 89 0.55 14.47 -0.53
CA ASP A 89 0.55 14.46 -0.54
CA ASP A 89 0.56 14.48 -0.60
C ASP A 89 -0.96 14.43 -0.82
N GLY A 90 -1.33 13.73 -1.90
CA GLY A 90 -2.74 13.64 -2.26
C GLY A 90 -3.58 12.87 -1.26
N LEU A 91 -3.05 11.75 -0.78
CA LEU A 91 -3.75 10.95 0.21
C LEU A 91 -3.93 11.71 1.51
N GLU A 92 -2.90 12.44 1.92
CA GLU A 92 -2.96 13.26 3.12
C GLU A 92 -4.11 14.26 2.97
N GLN A 93 -4.24 14.83 1.77
CA GLN A 93 -5.33 15.77 1.57
CA GLN A 93 -5.34 15.77 1.49
C GLN A 93 -6.73 15.15 1.52
N SER A 94 -6.84 13.91 1.02
CA SER A 94 -8.16 13.35 0.72
C SER A 94 -8.66 12.08 1.43
N TRP A 95 -7.79 11.32 2.06
CA TRP A 95 -8.20 10.05 2.66
C TRP A 95 -8.17 10.12 4.18
N THR A 96 -9.06 9.34 4.80
CA THR A 96 -9.01 9.12 6.22
C THR A 96 -7.69 8.48 6.63
N LYS A 97 -7.10 8.99 7.71
CA LYS A 97 -5.88 8.46 8.28
CA LYS A 97 -5.87 8.46 8.26
C LYS A 97 -6.22 7.59 9.47
N LEU A 98 -5.71 6.36 9.48
CA LEU A 98 -5.95 5.46 10.59
C LEU A 98 -4.99 5.76 11.73
N ALA A 99 -5.30 5.26 12.92
CA ALA A 99 -4.55 5.63 14.12
C ALA A 99 -3.26 4.83 14.32
N SER A 100 -3.19 3.63 13.73
CA SER A 100 -2.09 2.71 14.00
C SER A 100 -1.95 1.65 12.91
N GLY A 101 -0.83 0.95 12.92
CA GLY A 101 -0.60 -0.18 12.02
C GLY A 101 -1.56 -1.33 12.27
N ALA A 102 -1.92 -1.53 13.55
CA ALA A 102 -2.89 -2.56 13.92
C ALA A 102 -4.24 -2.27 13.24
N GLU A 103 -4.67 -1.01 13.31
CA GLU A 103 -5.91 -0.62 12.68
C GLU A 103 -5.84 -0.79 11.16
N ALA A 104 -4.67 -0.49 10.59
CA ALA A 104 -4.45 -0.68 9.16
C ALA A 104 -4.67 -2.14 8.75
N ALA A 105 -4.06 -3.05 9.51
CA ALA A 105 -4.25 -4.47 9.24
C ALA A 105 -5.72 -4.90 9.40
N GLN A 106 -6.39 -4.35 10.41
CA GLN A 106 -7.83 -4.64 10.60
C GLN A 106 -8.72 -4.18 9.42
N LYS A 107 -8.48 -2.96 8.96
CA LYS A 107 -9.24 -2.46 7.83
C LYS A 107 -8.96 -3.27 6.57
N ALA A 108 -7.69 -3.62 6.34
CA ALA A 108 -7.38 -4.48 5.19
C ALA A 108 -8.16 -5.79 5.30
N ALA A 109 -8.20 -6.33 6.51
CA ALA A 109 -8.92 -7.58 6.77
C ALA A 109 -10.42 -7.44 6.53
N GLN A 110 -10.91 -6.20 6.56
CA GLN A 110 -12.31 -5.97 6.16
C GLN A 110 -12.56 -5.70 4.66
N GLY A 111 -11.51 -5.79 3.83
CA GLY A 111 -11.68 -5.55 2.40
C GLY A 111 -11.45 -4.12 1.94
N PHE A 112 -10.81 -3.31 2.78
CA PHE A 112 -10.44 -1.93 2.42
C PHE A 112 -9.01 -1.84 1.90
N LEU A 113 -8.82 -1.02 0.87
CA LEU A 113 -7.49 -0.63 0.44
C LEU A 113 -6.87 0.34 1.44
N VAL A 114 -5.73 -0.05 1.99
CA VAL A 114 -5.00 0.74 2.96
C VAL A 114 -3.58 0.94 2.45
N ILE A 115 -3.17 2.20 2.36
CA ILE A 115 -1.83 2.54 1.87
C ILE A 115 -0.99 3.09 3.03
N ALA A 116 0.14 2.46 3.31
CA ALA A 116 1.15 3.03 4.20
C ALA A 116 2.04 3.95 3.38
N GLY A 117 2.30 5.16 3.87
CA GLY A 117 3.10 6.09 3.11
C GLY A 117 3.87 7.05 3.97
N LEU A 118 5.02 7.49 3.45
CA LEU A 118 5.86 8.47 4.12
C LEU A 118 6.68 9.21 3.08
N LYS A 119 6.64 10.54 3.11
CA LYS A 119 7.45 11.34 2.19
C LYS A 119 8.91 11.29 2.55
N GLY A 120 9.78 11.49 1.57
CA GLY A 120 11.21 11.58 1.81
C GLY A 120 11.83 12.83 1.22
N ARG A 121 13.03 13.15 1.67
CA ARG A 121 13.76 14.28 1.10
C ARG A 121 14.00 14.09 -0.38
N THR A 122 14.36 12.87 -0.77
CA THR A 122 14.65 12.52 -2.15
C THR A 122 13.52 11.68 -2.75
N TYR A 123 13.21 10.56 -2.09
CA TYR A 123 12.15 9.66 -2.53
C TYR A 123 11.25 9.32 -1.36
N GLY A 124 9.95 9.36 -1.58
CA GLY A 124 9.01 8.78 -0.63
C GLY A 124 8.83 7.29 -0.90
N HIS A 125 7.96 6.68 -0.11
CA HIS A 125 7.61 5.27 -0.32
C HIS A 125 6.15 5.07 0.03
N VAL A 126 5.51 4.19 -0.72
CA VAL A 126 4.12 3.78 -0.48
C VAL A 126 4.04 2.26 -0.58
N ALA A 127 3.13 1.68 0.19
CA ALA A 127 2.97 0.23 0.24
C ALA A 127 1.51 -0.10 0.51
N VAL A 128 1.06 -1.26 0.04
CA VAL A 128 -0.30 -1.74 0.31
C VAL A 128 -0.26 -2.62 1.55
N VAL A 129 -1.05 -2.26 2.55
CA VAL A 129 -1.14 -3.05 3.77
C VAL A 129 -2.11 -4.21 3.57
N ILE A 130 -1.70 -5.40 4.01
CA ILE A 130 -2.56 -6.57 3.96
C ILE A 130 -2.81 -7.12 5.36
N SER A 131 -3.83 -7.95 5.49
CA SER A 131 -4.09 -8.60 6.76
C SER A 131 -2.98 -9.60 7.06
N GLY A 132 -2.73 -9.83 8.33
CA GLY A 132 -1.65 -10.71 8.72
C GLY A 132 -1.09 -10.32 10.07
N PRO A 133 -0.20 -11.15 10.63
CA PRO A 133 0.31 -10.91 11.97
C PRO A 133 1.22 -9.69 11.98
N LEU A 134 1.23 -8.95 13.07
CA LEU A 134 2.06 -7.75 13.17
C LEU A 134 3.48 -8.05 13.62
N TYR A 135 4.46 -7.61 12.82
CA TYR A 135 5.86 -7.74 13.20
C TYR A 135 6.16 -6.90 14.44
N ARG A 136 6.82 -7.52 15.42
CA ARG A 136 7.11 -6.89 16.71
C ARG A 136 5.83 -6.34 17.36
N GLN A 137 4.70 -7.02 17.07
CA GLN A 137 3.38 -6.62 17.56
C GLN A 137 2.94 -5.20 17.17
N LYS A 138 3.55 -4.64 16.12
CA LYS A 138 3.28 -3.25 15.75
C LYS A 138 3.05 -3.02 14.26
N TYR A 139 3.82 -3.73 13.44
CA TYR A 139 3.98 -3.34 12.04
C TYR A 139 3.32 -4.34 11.10
N PRO A 140 2.32 -3.90 10.33
CA PRO A 140 1.58 -4.81 9.46
C PRO A 140 2.37 -5.27 8.24
N MET A 141 1.94 -6.40 7.68
CA MET A 141 2.53 -6.94 6.46
C MET A 141 2.11 -6.10 5.26
N CYS A 142 2.91 -6.13 4.20
CA CYS A 142 2.61 -5.28 3.06
C CYS A 142 3.10 -5.85 1.75
N TRP A 143 2.62 -5.24 0.67
CA TRP A 143 3.17 -5.42 -0.67
C TRP A 143 3.70 -4.08 -1.15
N CYS A 144 4.84 -4.08 -1.82
CA CYS A 144 5.37 -2.86 -2.41
C CYS A 144 6.50 -3.16 -3.37
N GLY A 145 6.62 -2.28 -4.36
CA GLY A 145 7.82 -2.21 -5.18
C GLY A 145 8.72 -1.09 -4.71
N SER A 146 9.93 -0.99 -5.27
CA SER A 146 10.82 0.10 -4.91
C SER A 146 11.96 0.33 -5.86
N ILE A 147 12.24 1.60 -6.12
CA ILE A 147 13.42 2.04 -6.85
C ILE A 147 14.70 1.58 -6.15
N ALA A 148 14.63 1.32 -4.85
CA ALA A 148 15.82 0.92 -4.08
C ALA A 148 16.23 -0.53 -4.29
N GLY A 149 15.33 -1.34 -4.84
CA GLY A 149 15.60 -2.75 -5.01
C GLY A 149 15.03 -3.59 -3.88
N ALA A 150 15.69 -4.72 -3.61
CA ALA A 150 15.16 -5.73 -2.68
C ALA A 150 14.80 -5.23 -1.29
N VAL A 151 15.58 -4.29 -0.74
CA VAL A 151 15.28 -3.79 0.59
C VAL A 151 13.90 -3.12 0.65
N GLY A 152 13.44 -2.55 -0.48
CA GLY A 152 12.17 -1.86 -0.50
C GLY A 152 11.04 -2.64 -1.12
N GLN A 153 11.28 -3.90 -1.44
CA GLN A 153 10.28 -4.74 -2.09
C GLN A 153 9.65 -5.70 -1.11
N SER A 154 8.37 -5.99 -1.28
CA SER A 154 7.69 -6.99 -0.48
C SER A 154 6.56 -7.62 -1.27
N GLN A 155 6.55 -8.95 -1.29
CA GLN A 155 5.45 -9.71 -1.88
C GLN A 155 4.63 -10.32 -0.74
N GLY A 156 4.22 -9.46 0.19
CA GLY A 156 3.40 -9.88 1.31
C GLY A 156 4.17 -10.49 2.46
N LEU A 157 5.49 -10.60 2.35
CA LEU A 157 6.26 -11.35 3.33
C LEU A 157 7.19 -10.49 4.18
N LYS A 158 7.31 -9.22 3.82
CA LYS A 158 7.95 -8.22 4.69
C LYS A 158 6.89 -7.33 5.32
N SER A 159 7.15 -6.93 6.57
CA SER A 159 6.29 -5.94 7.20
C SER A 159 6.80 -4.53 6.88
N VAL A 160 5.94 -3.54 7.10
CA VAL A 160 6.33 -2.16 6.91
C VAL A 160 7.48 -1.80 7.86
N GLY A 161 7.61 -2.54 8.96
CA GLY A 161 8.66 -2.28 9.93
C GLY A 161 10.00 -2.87 9.57
N GLN A 162 10.06 -3.54 8.41
CA GLN A 162 11.32 -4.01 7.84
C GLN A 162 11.64 -3.31 6.53
N VAL A 163 10.61 -2.92 5.81
CA VAL A 163 10.76 -2.14 4.60
C VAL A 163 11.31 -0.75 4.92
N TRP A 164 10.75 -0.14 5.96
CA TRP A 164 11.21 1.17 6.39
C TRP A 164 12.21 1.04 7.53
N ASN A 165 13.18 1.96 7.54
CA ASN A 165 14.18 2.05 8.60
C ASN A 165 13.52 2.30 9.95
N ARG A 166 14.20 1.89 11.03
CA ARG A 166 13.73 2.15 12.38
C ARG A 166 13.35 3.61 12.64
N THR A 167 14.04 4.55 12.00
CA THR A 167 13.77 5.96 12.25
C THR A 167 12.58 6.48 11.44
N ASP A 168 12.04 5.61 10.59
CA ASP A 168 10.87 5.94 9.78
C ASP A 168 9.62 5.13 10.13
N ARG A 169 9.79 3.90 10.59
CA ARG A 169 8.67 2.98 10.67
C ARG A 169 7.60 3.37 11.67
N ASP A 170 7.95 4.21 12.64
CA ASP A 170 6.96 4.70 13.61
C ASP A 170 6.37 6.05 13.17
N ARG A 171 6.81 6.54 12.01
CA ARG A 171 6.35 7.82 11.48
C ARG A 171 5.44 7.66 10.27
N LEU A 172 5.07 6.42 9.95
CA LEU A 172 4.26 6.15 8.77
C LEU A 172 2.85 6.66 8.92
N ASN A 173 2.26 7.06 7.80
CA ASN A 173 0.84 7.36 7.74
C ASN A 173 0.11 6.19 7.10
N TYR A 174 -1.03 5.82 7.66
CA TYR A 174 -1.87 4.78 7.08
C TYR A 174 -3.16 5.40 6.59
N TYR A 175 -3.39 5.34 5.29
CA TYR A 175 -4.55 5.95 4.65
C TYR A 175 -5.52 4.86 4.23
N VAL A 176 -6.80 5.03 4.54
CA VAL A 176 -7.80 4.03 4.14
C VAL A 176 -8.83 4.65 3.19
N TYR A 177 -9.21 3.89 2.17
CA TYR A 177 -10.21 4.39 1.23
C TYR A 177 -11.60 4.43 1.89
N SER A 178 -12.52 5.19 1.31
CA SER A 178 -13.79 5.50 1.96
C SER A 178 -14.83 4.38 1.88
N LEU A 179 -14.59 3.39 1.03
CA LEU A 179 -15.46 2.21 0.97
C LEU A 179 -14.59 0.97 0.79
N ALA A 180 -15.16 -0.20 1.06
CA ALA A 180 -14.44 -1.45 0.92
C ALA A 180 -14.45 -1.88 -0.54
N SER A 181 -13.28 -2.13 -1.09
CA SER A 181 -13.13 -2.49 -2.50
C SER A 181 -13.47 -3.93 -2.80
N CYS A 182 -13.24 -4.82 -1.85
CA CYS A 182 -13.50 -6.24 -2.08
C CYS A 182 -14.99 -6.54 -2.02
N SER A 183 -15.34 -7.75 -2.44
CA SER A 183 -16.73 -8.14 -2.64
C SER A 183 -17.21 -9.14 -1.61
N LEU A 184 -18.51 -9.40 -1.66
CA LEU A 184 -19.09 -10.57 -1.01
C LEU A 184 -18.32 -11.82 -1.38
N PRO A 185 -18.30 -12.81 -0.48
CA PRO A 185 -17.80 -14.13 -0.86
C PRO A 185 -18.60 -14.67 -2.05
N ARG A 186 -18.00 -15.61 -2.78
CA ARG A 186 -18.72 -16.26 -3.88
C ARG A 186 -20.03 -16.85 -3.40
N ALA A 187 -21.09 -16.59 -4.17
CA ALA A 187 -22.42 -17.03 -3.79
C ALA A 187 -22.54 -18.54 -3.87
N SER A 188 -21.87 -19.11 -4.86
CA SER A 188 -21.85 -20.56 -5.06
C SER A 188 -20.72 -20.92 -5.99
C1 MLI B . 9.86 5.92 -5.41
C2 MLI B . 8.60 6.56 -5.86
C3 MLI B . 10.13 4.63 -6.11
O6 MLI B . 8.52 7.81 -5.92
O7 MLI B . 7.63 5.80 -6.20
O8 MLI B . 10.31 4.66 -7.37
O9 MLI B . 10.16 3.53 -5.48
C1 GOL C . 10.62 7.46 -9.03
O1 GOL C . 9.42 6.86 -8.74
C2 GOL C . 10.63 8.97 -9.01
O2 GOL C . 9.82 9.60 -9.95
C3 GOL C . 10.53 9.61 -7.62
O3 GOL C . 10.17 8.88 -6.53
#